data_2A2T
#
_entry.id   2A2T
#
_cell.length_a   147.623
_cell.length_b   24.985
_cell.length_c   82.139
_cell.angle_alpha   90.00
_cell.angle_beta   90.51
_cell.angle_gamma   90.00
#
_symmetry.space_group_name_H-M   'C 1 2 1'
#
loop_
_entity.id
_entity.type
_entity.pdbx_description
1 polymer "5'-D(*AP*AP*AP*TP*AP*TP*TP*T)-3'"
2 non-polymer 'MANGANESE (II) ION'
3 non-polymer 'CACODYLATE ION'
4 water water
#
_entity_poly.entity_id   1
_entity_poly.type   'polydeoxyribonucleotide'
_entity_poly.pdbx_seq_one_letter_code
;(DA)(DA)(DA)(DT)(DA)(DT)(DT)(DT)
;
_entity_poly.pdbx_strand_id   A,G,B,H,C,I,D,J,E,K,F
#